data_7B1J
#
_entry.id   7B1J
#
_cell.length_a   87.680
_cell.length_b   133.980
_cell.length_c   34.750
_cell.angle_alpha   90.000
_cell.angle_beta   90.000
_cell.angle_gamma   90.000
#
_symmetry.space_group_name_H-M   'P 21 21 2'
#
loop_
_entity.id
_entity.type
_entity.pdbx_description
1 polymer 'Mitotic spindle assembly checkpoint protein MAD1'
2 polymer 'Mitotic checkpoint serine/threonine-protein kinase BUB1'
#
loop_
_entity_poly.entity_id
_entity_poly.type
_entity_poly.pdbx_seq_one_letter_code
_entity_poly.pdbx_strand_id
1 'polypeptide(L)'
;SSKEVAELKKQVESAELKNQRLKEVFQTKIQEFRKACYTLTGYQIDITTENQYRLTSLYAEHPGDCLIFKATSPSGSKMQ
LLETEFSHTVGELIEVHLRRQDSIPAFLSSLTLELFSRQTVA
;
B,A
2 'polypeptide(L)' KVQPSP(TPO)VHTKEALGFIMNMFQAPTS C,D
#
# COMPACT_ATOMS: atom_id res chain seq x y z
N SER A 1 -12.75 -32.78 32.52
CA SER A 1 -13.69 -33.78 32.04
C SER A 1 -13.38 -34.17 30.60
N SER A 2 -13.95 -35.29 30.16
CA SER A 2 -13.74 -35.77 28.80
C SER A 2 -14.38 -34.83 27.78
N LYS A 3 -15.52 -34.25 28.14
CA LYS A 3 -16.22 -33.33 27.26
C LYS A 3 -15.49 -32.00 27.13
N GLU A 4 -14.94 -31.52 28.24
CA GLU A 4 -14.22 -30.28 28.25
C GLU A 4 -13.00 -30.35 27.44
N VAL A 5 -12.23 -31.42 27.66
CA VAL A 5 -10.99 -31.65 26.93
C VAL A 5 -11.26 -31.60 25.44
N ALA A 6 -12.15 -32.47 24.98
CA ALA A 6 -12.49 -32.54 23.55
C ALA A 6 -13.09 -31.23 23.05
N GLU A 7 -13.93 -30.59 23.86
CA GLU A 7 -14.55 -29.34 23.49
C GLU A 7 -13.50 -28.24 23.28
N LEU A 8 -12.48 -28.23 24.14
CA LEU A 8 -11.41 -27.24 24.04
C LEU A 8 -10.52 -27.50 22.83
N LYS A 9 -10.22 -28.76 22.56
CA LYS A 9 -9.39 -29.14 21.45
C LYS A 9 -9.90 -28.58 20.16
N LYS A 10 -11.20 -28.53 19.95
CA LYS A 10 -11.70 -27.93 18.78
C LYS A 10 -11.32 -26.46 18.73
N GLN A 11 -11.40 -25.74 19.84
CA GLN A 11 -11.07 -24.33 19.81
C GLN A 11 -9.66 -24.09 19.40
N VAL A 12 -8.75 -24.88 19.90
CA VAL A 12 -7.41 -24.72 19.49
C VAL A 12 -7.25 -24.98 18.04
N GLU A 13 -7.89 -26.00 17.50
CA GLU A 13 -7.75 -26.26 16.10
C GLU A 13 -8.26 -25.15 15.30
N SER A 14 -9.42 -24.63 15.67
CA SER A 14 -9.95 -23.57 14.91
C SER A 14 -9.09 -22.35 14.96
N ALA A 15 -8.63 -21.98 16.13
CA ALA A 15 -7.83 -20.78 16.22
C ALA A 15 -6.55 -20.93 15.45
N GLU A 16 -5.92 -22.09 15.56
CA GLU A 16 -4.69 -22.35 14.86
C GLU A 16 -4.95 -22.27 13.38
N LEU A 17 -6.06 -22.83 12.93
CA LEU A 17 -6.45 -22.77 11.56
C LEU A 17 -6.69 -21.34 11.16
N LYS A 18 -7.33 -20.55 12.02
CA LYS A 18 -7.57 -19.16 11.65
C LYS A 18 -6.31 -18.43 11.44
N ASN A 19 -5.33 -18.70 12.30
CA ASN A 19 -4.01 -18.11 12.20
C ASN A 19 -3.45 -18.46 10.82
N GLN A 20 -3.56 -19.74 10.42
CA GLN A 20 -3.06 -20.11 9.13
C GLN A 20 -3.87 -19.43 8.06
N ARG A 21 -5.16 -19.30 8.27
CA ARG A 21 -5.95 -18.67 7.24
C ARG A 21 -5.60 -17.24 7.17
N LEU A 22 -5.43 -16.61 8.30
CA LEU A 22 -5.14 -15.21 8.29
C LEU A 22 -3.88 -14.88 7.59
N LYS A 23 -2.85 -15.64 7.86
CA LYS A 23 -1.61 -15.33 7.26
C LYS A 23 -1.66 -15.47 5.78
N GLU A 24 -2.26 -16.54 5.27
CA GLU A 24 -2.22 -16.72 3.84
C GLU A 24 -2.89 -15.66 3.04
N VAL A 25 -4.08 -15.27 3.45
CA VAL A 25 -4.74 -14.28 2.68
C VAL A 25 -4.02 -13.00 2.76
N PHE A 26 -3.61 -12.65 3.97
CA PHE A 26 -2.97 -11.40 4.16
C PHE A 26 -1.69 -11.28 3.43
N GLN A 27 -0.92 -12.33 3.41
CA GLN A 27 0.29 -12.28 2.67
C GLN A 27 -0.07 -12.14 1.23
N THR A 28 -0.99 -12.93 0.74
CA THR A 28 -1.31 -12.81 -0.67
C THR A 28 -1.89 -11.50 -1.01
N LYS A 29 -2.76 -10.99 -0.16
CA LYS A 29 -3.35 -9.72 -0.50
C LYS A 29 -2.36 -8.61 -0.50
N ILE A 30 -1.50 -8.54 0.49
CA ILE A 30 -0.56 -7.46 0.52
C ILE A 30 0.37 -7.48 -0.63
N GLN A 31 0.85 -8.65 -1.01
CA GLN A 31 1.78 -8.70 -2.11
C GLN A 31 1.17 -8.19 -3.38
N GLU A 32 -0.06 -8.55 -3.64
CA GLU A 32 -0.72 -8.10 -4.83
C GLU A 32 -0.91 -6.62 -4.84
N PHE A 33 -1.21 -6.04 -3.71
CA PHE A 33 -1.42 -4.63 -3.62
C PHE A 33 -0.24 -3.87 -4.11
N ARG A 34 0.82 -4.04 -3.38
CA ARG A 34 2.13 -3.35 -3.59
C ARG A 34 2.46 -3.36 -5.09
N LYS A 35 2.24 -4.49 -5.79
CA LYS A 35 2.47 -4.60 -7.25
C LYS A 35 1.67 -3.50 -7.95
N ALA A 36 0.38 -3.39 -7.65
CA ALA A 36 -0.53 -2.36 -8.19
C ALA A 36 0.11 -0.97 -8.07
N CYS A 37 0.42 -0.50 -6.85
CA CYS A 37 1.03 0.83 -6.60
C CYS A 37 2.34 0.98 -7.37
N TYR A 38 3.10 -0.10 -7.56
CA TYR A 38 4.35 -0.01 -8.34
C TYR A 38 3.98 0.18 -9.82
N THR A 39 3.26 -0.80 -10.37
CA THR A 39 2.77 -0.83 -11.77
C THR A 39 2.11 0.50 -12.12
N LEU A 40 1.31 1.03 -11.20
CA LEU A 40 0.42 2.22 -11.37
C LEU A 40 1.21 3.53 -11.19
N THR A 41 1.74 3.78 -9.99
CA THR A 41 2.37 5.07 -9.60
C THR A 41 3.83 5.13 -10.06
N GLY A 42 4.42 3.98 -10.41
CA GLY A 42 5.82 3.89 -10.86
C GLY A 42 6.82 4.21 -9.76
N TYR A 43 6.46 3.90 -8.51
CA TYR A 43 7.35 3.96 -7.32
C TYR A 43 7.11 2.71 -6.47
N GLN A 44 8.20 2.01 -6.13
CA GLN A 44 8.17 0.95 -5.11
C GLN A 44 8.44 1.60 -3.75
N ILE A 45 7.53 1.39 -2.81
CA ILE A 45 7.55 1.94 -1.43
C ILE A 45 7.95 0.80 -0.49
N ASP A 46 9.10 0.95 0.16
CA ASP A 46 9.66 -0.03 1.13
C ASP A 46 9.72 0.61 2.51
N ILE A 47 9.10 -0.03 3.50
CA ILE A 47 9.20 0.35 4.94
C ILE A 47 10.57 -0.13 5.46
N THR A 48 11.28 0.76 6.15
CA THR A 48 12.50 0.42 6.91
C THR A 48 12.11 0.19 8.38
N THR A 49 12.98 -0.52 9.03
CA THR A 49 12.85 -0.88 10.41
C THR A 49 12.44 0.35 11.21
N GLU A 50 12.78 1.51 10.68
CA GLU A 50 12.51 2.76 11.38
C GLU A 50 11.23 3.41 10.96
N ASN A 51 10.45 2.67 10.17
CA ASN A 51 9.18 3.11 9.60
C ASN A 51 9.34 4.34 8.71
N GLN A 52 10.46 4.38 7.97
CA GLN A 52 10.73 5.46 7.06
C GLN A 52 10.52 4.86 5.69
N TYR A 53 10.07 5.67 4.78
CA TYR A 53 9.73 5.14 3.51
C TYR A 53 10.75 5.39 2.47
N ARG A 54 11.17 4.33 1.82
CA ARG A 54 12.15 4.43 0.80
C ARG A 54 11.46 4.22 -0.47
N LEU A 55 11.64 5.12 -1.40
CA LEU A 55 11.03 5.01 -2.67
C LEU A 55 12.09 4.86 -3.70
N THR A 56 11.90 3.94 -4.63
CA THR A 56 12.83 3.71 -5.71
C THR A 56 12.01 3.82 -6.95
N SER A 57 12.42 4.62 -7.89
CA SER A 57 11.62 4.76 -9.09
C SER A 57 11.69 3.65 -10.03
N LEU A 58 10.61 3.48 -10.76
CA LEU A 58 10.54 2.49 -11.78
C LEU A 58 11.47 2.77 -12.90
N TYR A 59 11.60 4.03 -13.22
CA TYR A 59 12.42 4.49 -14.30
C TYR A 59 13.76 4.97 -13.83
N ALA A 60 14.17 4.53 -12.66
CA ALA A 60 15.41 4.97 -12.11
C ALA A 60 16.57 4.69 -12.99
N GLU A 61 17.44 5.68 -13.11
CA GLU A 61 18.62 5.53 -13.91
C GLU A 61 19.53 4.48 -13.33
N HIS A 62 19.67 4.43 -12.02
CA HIS A 62 20.53 3.44 -11.45
C HIS A 62 19.82 2.68 -10.43
N PRO A 63 20.16 1.42 -10.31
CA PRO A 63 19.46 0.62 -9.33
C PRO A 63 19.71 1.10 -7.93
N GLY A 64 20.94 1.46 -7.63
CA GLY A 64 21.27 1.86 -6.29
C GLY A 64 20.64 3.07 -5.67
N ASP A 65 20.50 4.15 -6.44
CA ASP A 65 19.92 5.39 -5.91
C ASP A 65 18.41 5.33 -5.68
N CYS A 66 17.96 6.03 -4.64
CA CYS A 66 16.56 6.10 -4.29
C CYS A 66 16.28 7.23 -3.34
N LEU A 67 15.03 7.41 -2.99
CA LEU A 67 14.64 8.46 -2.06
C LEU A 67 14.06 7.91 -0.80
N ILE A 68 14.28 8.58 0.31
CA ILE A 68 13.77 8.13 1.58
C ILE A 68 13.01 9.20 2.26
N PHE A 69 11.80 8.93 2.67
CA PHE A 69 11.05 9.93 3.35
C PHE A 69 10.82 9.42 4.73
N LYS A 70 11.03 10.29 5.70
CA LYS A 70 10.84 9.96 7.10
C LYS A 70 9.75 10.87 7.62
N ALA A 71 8.98 10.40 8.59
CA ALA A 71 7.91 11.16 9.10
C ALA A 71 7.96 11.19 10.57
N THR A 72 7.58 12.31 11.17
CA THR A 72 7.47 12.34 12.61
C THR A 72 6.33 11.41 12.88
N SER A 73 5.23 11.66 12.16
CA SER A 73 4.07 10.77 12.03
C SER A 73 3.54 10.03 13.18
N PRO A 74 3.23 10.75 14.23
CA PRO A 74 2.53 10.00 15.25
C PRO A 74 1.18 9.78 14.60
N SER A 75 0.59 10.88 14.09
CA SER A 75 -0.65 10.93 13.32
C SER A 75 -0.28 10.82 11.84
N GLY A 76 -1.25 10.98 10.95
CA GLY A 76 -0.89 10.99 9.55
C GLY A 76 -0.52 12.44 9.23
N SER A 77 0.75 12.74 9.46
CA SER A 77 1.31 14.04 9.24
C SER A 77 1.96 14.08 7.89
N LYS A 78 2.81 15.06 7.69
CA LYS A 78 3.51 15.14 6.45
C LYS A 78 4.92 14.81 6.76
N MET A 79 5.49 14.02 5.86
CA MET A 79 6.85 13.54 5.99
C MET A 79 7.84 14.60 5.59
N GLN A 80 9.09 14.35 5.93
CA GLN A 80 10.16 15.25 5.63
C GLN A 80 11.17 14.40 4.93
N LEU A 81 11.79 14.92 3.91
CA LEU A 81 12.68 14.12 3.13
C LEU A 81 14.05 14.05 3.70
N LEU A 82 14.60 12.86 3.75
CA LEU A 82 15.91 12.66 4.27
C LEU A 82 16.83 12.52 3.12
N GLU A 83 18.04 13.03 3.25
CA GLU A 83 18.98 12.97 2.17
C GLU A 83 19.58 11.63 1.88
N THR A 84 19.65 11.35 0.60
CA THR A 84 20.17 10.13 0.03
C THR A 84 21.20 10.50 -1.00
N GLU A 85 21.95 9.52 -1.48
CA GLU A 85 22.93 9.78 -2.52
C GLU A 85 22.18 10.30 -3.72
N PHE A 86 21.09 9.66 -4.10
CA PHE A 86 20.29 10.12 -5.18
C PHE A 86 19.69 11.46 -4.95
N SER A 87 19.28 11.74 -3.73
CA SER A 87 18.59 12.99 -3.46
C SER A 87 19.39 14.21 -3.79
N HIS A 88 20.69 14.20 -3.59
CA HIS A 88 21.51 15.32 -3.93
C HIS A 88 21.48 15.66 -5.40
N THR A 89 21.42 14.66 -6.24
CA THR A 89 21.44 14.89 -7.65
C THR A 89 20.33 15.72 -8.09
N VAL A 90 19.15 15.41 -7.64
CA VAL A 90 18.03 16.15 -8.09
C VAL A 90 17.68 17.36 -7.33
N GLY A 91 18.57 18.33 -7.37
CA GLY A 91 18.35 19.59 -6.73
C GLY A 91 17.57 20.45 -7.67
N GLU A 92 16.95 21.48 -7.14
CA GLU A 92 16.18 22.43 -7.95
C GLU A 92 15.23 21.36 -7.47
N LEU A 93 14.30 21.09 -8.34
CA LEU A 93 13.28 20.10 -8.36
C LEU A 93 12.67 20.19 -7.00
N ILE A 94 13.44 19.81 -5.99
CA ILE A 94 13.07 19.91 -4.66
C ILE A 94 12.82 21.33 -4.33
N GLU A 95 13.65 22.25 -4.76
CA GLU A 95 13.38 23.62 -4.46
C GLU A 95 12.11 24.02 -5.11
N VAL A 96 11.94 23.68 -6.36
CA VAL A 96 10.72 24.05 -7.00
C VAL A 96 9.51 23.41 -6.46
N HIS A 97 9.63 22.14 -6.15
CA HIS A 97 8.48 21.43 -5.73
C HIS A 97 8.29 21.26 -4.27
N LEU A 98 9.35 21.04 -3.52
CA LEU A 98 9.14 20.87 -2.12
C LEU A 98 9.32 22.12 -1.35
N ARG A 99 10.43 22.79 -1.54
CA ARG A 99 10.64 23.98 -0.79
C ARG A 99 9.65 25.02 -1.16
N ARG A 100 9.37 25.17 -2.43
CA ARG A 100 8.48 26.22 -2.80
C ARG A 100 7.06 25.88 -2.90
N GLN A 101 6.74 24.81 -3.59
CA GLN A 101 5.36 24.45 -3.79
C GLN A 101 4.80 23.64 -2.68
N ASP A 102 5.67 23.05 -1.92
CA ASP A 102 5.30 22.20 -0.83
C ASP A 102 4.42 21.04 -1.16
N SER A 103 4.64 20.40 -2.28
CA SER A 103 3.85 19.24 -2.59
C SER A 103 4.68 18.06 -2.97
N ILE A 104 4.79 17.09 -2.08
CA ILE A 104 5.56 15.89 -2.38
C ILE A 104 5.10 15.20 -3.67
N PRO A 105 3.76 15.10 -3.87
CA PRO A 105 3.22 14.47 -5.03
C PRO A 105 3.66 15.18 -6.25
N ALA A 106 3.67 16.50 -6.26
CA ALA A 106 4.17 17.21 -7.40
C ALA A 106 5.61 16.91 -7.61
N PHE A 107 6.40 16.84 -6.56
CA PHE A 107 7.77 16.53 -6.75
C PHE A 107 7.95 15.18 -7.35
N LEU A 108 7.29 14.15 -6.88
CA LEU A 108 7.49 12.86 -7.46
C LEU A 108 7.02 12.77 -8.85
N SER A 109 5.90 13.39 -9.13
CA SER A 109 5.36 13.33 -10.44
C SER A 109 6.24 13.97 -11.41
N SER A 110 6.80 15.10 -11.06
CA SER A 110 7.73 15.80 -11.89
C SER A 110 8.92 14.95 -12.09
N LEU A 111 9.41 14.37 -11.02
CA LEU A 111 10.54 13.53 -11.13
C LEU A 111 10.28 12.35 -11.96
N THR A 112 9.12 11.74 -11.80
CA THR A 112 8.83 10.58 -12.57
C THR A 112 8.83 10.90 -14.02
N LEU A 113 8.22 11.99 -14.42
CA LEU A 113 8.20 12.35 -15.80
C LEU A 113 9.57 12.61 -16.33
N GLU A 114 10.40 13.18 -15.51
CA GLU A 114 11.70 13.50 -15.96
C GLU A 114 12.44 12.25 -16.25
N LEU A 115 12.37 11.31 -15.34
CA LEU A 115 13.11 10.07 -15.54
C LEU A 115 12.69 9.34 -16.76
N PHE A 116 11.41 9.34 -17.07
CA PHE A 116 10.91 8.67 -18.23
C PHE A 116 11.54 9.20 -19.45
N SER A 117 11.61 10.51 -19.56
CA SER A 117 12.16 11.14 -20.73
C SER A 117 13.59 10.77 -20.92
N ARG A 118 14.36 10.68 -19.87
CA ARG A 118 15.72 10.26 -20.02
C ARG A 118 15.81 8.86 -20.56
N GLN A 119 14.92 7.98 -20.08
CA GLN A 119 14.90 6.59 -20.53
C GLN A 119 14.69 6.62 -22.03
N THR A 120 15.69 6.20 -22.79
CA THR A 120 15.59 6.22 -24.23
C THR A 120 16.35 5.05 -24.79
N VAL A 121 15.94 4.60 -25.96
CA VAL A 121 16.58 3.49 -26.57
C VAL A 121 18.03 3.68 -26.77
N ALA A 122 18.41 4.84 -27.26
CA ALA A 122 19.80 5.08 -27.49
C ALA A 122 20.11 6.54 -27.46
N SER B 1 -8.54 -26.95 37.51
CA SER B 1 -9.16 -28.18 37.08
C SER B 1 -8.09 -29.12 36.64
N SER B 2 -8.44 -30.01 35.74
CA SER B 2 -7.53 -30.98 35.22
C SER B 2 -6.28 -30.39 34.68
N LYS B 3 -5.17 -31.05 34.91
CA LYS B 3 -3.94 -30.54 34.41
C LYS B 3 -3.99 -30.61 32.93
N GLU B 4 -4.76 -31.52 32.40
CA GLU B 4 -4.85 -31.60 30.98
C GLU B 4 -5.68 -30.48 30.45
N VAL B 5 -6.81 -30.24 31.08
CA VAL B 5 -7.65 -29.18 30.67
C VAL B 5 -7.02 -27.83 30.86
N ALA B 6 -6.27 -27.64 31.91
CA ALA B 6 -5.68 -26.34 32.14
C ALA B 6 -4.78 -25.93 31.05
N GLU B 7 -3.96 -26.89 30.60
CA GLU B 7 -3.04 -26.66 29.51
C GLU B 7 -3.79 -26.20 28.26
N LEU B 8 -4.92 -26.85 27.96
CA LEU B 8 -5.67 -26.46 26.82
C LEU B 8 -6.22 -25.07 26.97
N LYS B 9 -6.70 -24.70 28.14
CA LYS B 9 -7.20 -23.39 28.31
C LYS B 9 -6.11 -22.39 28.09
N LYS B 10 -4.94 -22.62 28.65
CA LYS B 10 -3.86 -21.71 28.42
C LYS B 10 -3.46 -21.72 27.00
N GLN B 11 -3.41 -22.87 26.38
CA GLN B 11 -3.05 -22.93 25.01
C GLN B 11 -4.02 -22.18 24.16
N VAL B 12 -5.30 -22.32 24.43
CA VAL B 12 -6.26 -21.67 23.61
C VAL B 12 -6.15 -20.19 23.66
N GLU B 13 -5.96 -19.66 24.84
CA GLU B 13 -5.95 -18.23 25.02
C GLU B 13 -4.88 -17.59 24.24
N SER B 14 -3.71 -18.18 24.29
CA SER B 14 -2.59 -17.65 23.61
C SER B 14 -2.88 -17.65 22.16
N ALA B 15 -3.37 -18.75 21.63
CA ALA B 15 -3.64 -18.82 20.22
C ALA B 15 -4.68 -17.83 19.78
N GLU B 16 -5.70 -17.66 20.58
CA GLU B 16 -6.69 -16.68 20.24
C GLU B 16 -6.03 -15.33 20.30
N LEU B 17 -5.26 -15.09 21.35
CA LEU B 17 -4.59 -13.85 21.45
C LEU B 17 -3.60 -13.64 20.36
N LYS B 18 -2.88 -14.67 19.95
CA LYS B 18 -1.89 -14.57 18.92
C LYS B 18 -2.52 -14.13 17.66
N ASN B 19 -3.66 -14.69 17.32
CA ASN B 19 -4.35 -14.18 16.18
C ASN B 19 -4.84 -12.78 16.52
N GLN B 20 -5.34 -12.61 17.75
CA GLN B 20 -5.85 -11.33 18.21
C GLN B 20 -4.83 -10.18 18.11
N ARG B 21 -3.61 -10.43 18.57
CA ARG B 21 -2.56 -9.42 18.52
C ARG B 21 -2.14 -9.17 17.09
N LEU B 22 -2.09 -10.24 16.30
CA LEU B 22 -1.72 -10.14 14.92
C LEU B 22 -2.67 -9.33 14.12
N LYS B 23 -3.96 -9.45 14.36
CA LYS B 23 -4.89 -8.64 13.59
C LYS B 23 -4.72 -7.19 13.90
N GLU B 24 -4.45 -6.85 15.15
CA GLU B 24 -4.27 -5.49 15.52
C GLU B 24 -3.13 -4.86 14.80
N VAL B 25 -2.03 -5.57 14.65
CA VAL B 25 -0.85 -5.03 14.03
C VAL B 25 -1.10 -4.59 12.64
N PHE B 26 -1.88 -5.31 11.86
CA PHE B 26 -2.19 -4.89 10.52
C PHE B 26 -2.91 -3.59 10.50
N GLN B 27 -3.78 -3.36 11.46
CA GLN B 27 -4.47 -2.14 11.48
C GLN B 27 -3.59 -0.98 11.55
N THR B 28 -2.65 -1.00 12.44
CA THR B 28 -1.78 0.11 12.51
C THR B 28 -0.96 0.18 11.27
N LYS B 29 -0.40 -0.95 10.89
CA LYS B 29 0.46 -0.92 9.75
C LYS B 29 -0.14 -0.69 8.44
N ILE B 30 -1.29 -1.26 8.18
CA ILE B 30 -1.83 -1.06 6.87
C ILE B 30 -2.17 0.37 6.62
N GLN B 31 -2.75 1.03 7.61
CA GLN B 31 -3.14 2.39 7.46
C GLN B 31 -1.91 3.16 7.27
N GLU B 32 -0.92 2.83 8.06
CA GLU B 32 0.33 3.64 8.03
C GLU B 32 0.97 3.58 6.64
N PHE B 33 0.85 2.47 5.92
CA PHE B 33 1.44 2.28 4.55
C PHE B 33 0.66 3.07 3.49
N ARG B 34 -0.68 3.02 3.59
CA ARG B 34 -1.63 3.72 2.69
C ARG B 34 -1.40 5.23 2.81
N LYS B 35 -1.60 5.81 4.01
CA LYS B 35 -1.51 7.27 4.26
C LYS B 35 -0.17 7.78 3.72
N ALA B 36 0.90 7.00 3.91
CA ALA B 36 2.24 7.30 3.33
C ALA B 36 2.13 7.26 1.81
N CYS B 37 1.60 6.16 1.26
CA CYS B 37 1.37 6.03 -0.19
C CYS B 37 0.57 7.25 -0.67
N TYR B 38 -0.47 7.65 0.06
CA TYR B 38 -1.42 8.74 -0.28
C TYR B 38 -0.74 10.11 -0.27
N THR B 39 -0.10 10.50 0.84
CA THR B 39 0.54 11.83 1.00
C THR B 39 1.72 11.95 0.04
N LEU B 40 2.35 10.84 -0.33
CA LEU B 40 3.56 10.85 -1.18
C LEU B 40 3.20 10.87 -2.66
N THR B 41 2.36 9.94 -3.11
CA THR B 41 2.02 9.78 -4.54
C THR B 41 0.91 10.77 -4.90
N GLY B 42 0.10 11.16 -3.91
CA GLY B 42 -1.11 12.02 -4.10
C GLY B 42 -2.28 11.22 -4.67
N TYR B 43 -2.36 9.93 -4.38
CA TYR B 43 -3.41 9.00 -4.86
C TYR B 43 -3.82 8.08 -3.73
N GLN B 44 -5.13 7.91 -3.53
CA GLN B 44 -5.66 6.88 -2.61
C GLN B 44 -6.07 5.69 -3.47
N ILE B 45 -5.37 4.57 -3.25
CA ILE B 45 -5.57 3.25 -3.91
C ILE B 45 -6.53 2.46 -3.03
N ASP B 46 -7.70 2.14 -3.54
CA ASP B 46 -8.67 1.35 -2.84
C ASP B 46 -8.90 0.12 -3.65
N ILE B 47 -9.17 -1.00 -3.02
CA ILE B 47 -9.47 -2.18 -3.77
C ILE B 47 -10.93 -2.36 -3.63
N THR B 48 -11.60 -2.47 -4.74
CA THR B 48 -13.03 -2.62 -4.74
C THR B 48 -13.49 -3.96 -4.36
N THR B 49 -14.80 -4.06 -4.30
CA THR B 49 -15.53 -5.28 -4.05
C THR B 49 -15.25 -6.28 -5.16
N GLU B 50 -15.07 -5.75 -6.38
CA GLU B 50 -14.76 -6.58 -7.54
C GLU B 50 -13.25 -6.74 -7.75
N ASN B 51 -12.47 -6.34 -6.75
CA ASN B 51 -11.04 -6.44 -6.76
C ASN B 51 -10.46 -5.76 -7.93
N GLN B 52 -10.89 -4.54 -8.06
CA GLN B 52 -10.44 -3.61 -9.06
C GLN B 52 -9.78 -2.48 -8.31
N TYR B 53 -8.89 -1.75 -8.95
CA TYR B 53 -8.23 -0.67 -8.25
C TYR B 53 -8.84 0.68 -8.50
N ARG B 54 -9.12 1.43 -7.45
CA ARG B 54 -9.81 2.75 -7.58
C ARG B 54 -8.92 3.84 -7.01
N LEU B 55 -8.49 4.76 -7.88
CA LEU B 55 -7.54 5.86 -7.56
C LEU B 55 -8.31 7.19 -7.51
N THR B 56 -7.91 8.06 -6.60
CA THR B 56 -8.60 9.33 -6.24
C THR B 56 -7.54 10.37 -5.90
N SER B 57 -7.42 11.45 -6.69
CA SER B 57 -6.28 12.39 -6.54
C SER B 57 -6.47 13.21 -5.25
N LEU B 58 -5.40 13.39 -4.49
CA LEU B 58 -5.36 14.33 -3.35
C LEU B 58 -5.76 15.72 -3.82
N TYR B 59 -5.85 15.95 -5.13
CA TYR B 59 -6.21 17.27 -5.74
C TYR B 59 -7.51 17.18 -6.55
N ALA B 60 -8.45 16.32 -6.16
CA ALA B 60 -9.68 16.02 -6.93
C ALA B 60 -10.61 17.22 -6.87
N GLU B 61 -11.15 17.64 -8.02
CA GLU B 61 -11.99 18.88 -8.17
C GLU B 61 -13.20 18.76 -7.25
N HIS B 62 -13.84 17.60 -7.30
CA HIS B 62 -14.96 17.21 -6.44
C HIS B 62 -14.68 15.76 -6.00
N PRO B 63 -15.37 15.29 -4.95
CA PRO B 63 -15.07 13.95 -4.47
C PRO B 63 -15.88 12.94 -5.31
N GLY B 64 -15.35 11.73 -5.50
CA GLY B 64 -16.01 10.69 -6.30
C GLY B 64 -15.51 10.70 -7.73
N ASP B 65 -14.70 11.70 -8.07
CA ASP B 65 -13.89 11.68 -9.31
C ASP B 65 -12.80 10.63 -9.09
N CYS B 66 -13.02 9.39 -9.48
CA CYS B 66 -11.97 8.42 -9.29
C CYS B 66 -11.61 7.72 -10.56
N LEU B 67 -10.60 6.88 -10.52
CA LEU B 67 -10.23 6.16 -11.70
C LEU B 67 -10.09 4.74 -11.35
N ILE B 68 -10.42 3.87 -12.27
CA ILE B 68 -10.38 2.47 -11.97
C ILE B 68 -9.50 1.67 -12.87
N PHE B 69 -8.69 0.82 -12.29
CA PHE B 69 -7.86 -0.02 -13.09
C PHE B 69 -8.12 -1.45 -12.74
N LYS B 70 -8.08 -2.32 -13.74
CA LYS B 70 -8.31 -3.74 -13.54
C LYS B 70 -7.11 -4.46 -14.13
N ALA B 71 -6.54 -5.41 -13.39
CA ALA B 71 -5.38 -6.09 -13.90
C ALA B 71 -5.87 -6.90 -15.06
N THR B 72 -5.24 -6.77 -16.21
CA THR B 72 -5.68 -7.48 -17.38
C THR B 72 -5.58 -8.95 -17.16
N SER B 73 -4.45 -9.37 -16.62
CA SER B 73 -4.20 -10.75 -16.32
C SER B 73 -3.69 -10.81 -14.92
N PRO B 74 -4.04 -11.86 -14.20
CA PRO B 74 -3.54 -11.91 -12.82
C PRO B 74 -2.04 -11.95 -12.82
N SER B 75 -1.47 -12.81 -13.65
CA SER B 75 -0.04 -12.83 -13.73
C SER B 75 0.54 -11.62 -14.46
N GLY B 76 -0.07 -11.28 -15.58
CA GLY B 76 0.49 -10.20 -16.38
C GLY B 76 0.46 -8.87 -15.69
N SER B 77 1.61 -8.23 -15.63
CA SER B 77 1.64 -6.96 -14.95
C SER B 77 1.29 -5.82 -15.83
N LYS B 78 0.03 -5.69 -16.19
CA LYS B 78 -0.40 -4.57 -16.99
C LYS B 78 -1.85 -4.40 -16.73
N MET B 79 -2.29 -3.17 -16.61
CA MET B 79 -3.64 -2.93 -16.24
C MET B 79 -4.39 -2.07 -17.18
N GLN B 80 -5.58 -2.50 -17.52
CA GLN B 80 -6.43 -1.74 -18.38
C GLN B 80 -7.05 -0.66 -17.56
N LEU B 81 -7.35 0.46 -18.18
CA LEU B 81 -7.98 1.57 -17.46
C LEU B 81 -9.46 1.56 -17.82
N LEU B 82 -10.35 1.37 -16.84
CA LEU B 82 -11.73 1.32 -17.18
C LEU B 82 -12.41 2.64 -17.31
N GLU B 83 -13.38 2.71 -18.19
CA GLU B 83 -14.08 3.93 -18.38
C GLU B 83 -14.83 4.29 -17.16
N THR B 84 -14.78 5.54 -16.79
CA THR B 84 -15.52 6.08 -15.66
C THR B 84 -15.85 7.50 -15.95
N GLU B 85 -16.72 8.11 -15.16
CA GLU B 85 -17.15 9.45 -15.43
C GLU B 85 -16.03 10.41 -15.44
N PHE B 86 -15.16 10.30 -14.47
CA PHE B 86 -14.00 11.15 -14.45
C PHE B 86 -13.03 10.87 -15.53
N SER B 87 -12.98 9.65 -16.04
CA SER B 87 -12.11 9.30 -17.13
C SER B 87 -12.45 10.06 -18.36
N HIS B 88 -13.70 10.40 -18.59
CA HIS B 88 -14.08 11.16 -19.72
C HIS B 88 -13.39 12.46 -19.79
N THR B 89 -13.19 13.15 -18.69
CA THR B 89 -12.51 14.41 -18.73
C THR B 89 -11.04 14.40 -19.05
N VAL B 90 -10.38 13.27 -19.06
CA VAL B 90 -9.02 13.27 -19.42
C VAL B 90 -8.71 12.52 -20.70
N GLY B 91 -9.56 12.65 -21.71
CA GLY B 91 -9.31 12.07 -23.05
C GLY B 91 -7.88 12.35 -23.48
N GLU B 92 -7.45 13.59 -23.30
CA GLU B 92 -6.12 14.12 -23.74
C GLU B 92 -5.00 13.27 -23.12
N LEU B 93 -4.89 13.32 -21.78
CA LEU B 93 -3.83 12.67 -20.97
C LEU B 93 -3.74 11.20 -21.35
N ILE B 94 -4.88 10.53 -21.47
CA ILE B 94 -4.98 9.08 -21.85
C ILE B 94 -4.29 8.88 -23.20
N GLU B 95 -4.75 9.62 -24.20
CA GLU B 95 -4.26 9.55 -25.59
C GLU B 95 -2.72 9.47 -25.55
N VAL B 96 -2.10 10.40 -24.82
CA VAL B 96 -0.65 10.74 -24.91
C VAL B 96 0.25 9.76 -24.13
N HIS B 97 -0.15 9.41 -22.90
CA HIS B 97 0.72 8.78 -21.88
C HIS B 97 0.38 7.31 -21.70
N LEU B 98 -0.83 6.88 -22.10
CA LEU B 98 -1.34 5.50 -21.84
C LEU B 98 -1.21 4.64 -23.10
N ARG B 99 -1.58 5.16 -24.29
CA ARG B 99 -1.47 4.38 -25.56
C ARG B 99 -0.19 4.80 -26.29
N ARG B 100 0.00 6.08 -26.59
CA ARG B 100 1.20 6.56 -27.34
C ARG B 100 2.47 6.07 -26.64
N GLN B 101 2.52 6.24 -25.32
CA GLN B 101 3.69 5.87 -24.55
C GLN B 101 3.53 4.66 -23.65
N ASP B 102 2.29 4.21 -23.40
CA ASP B 102 2.06 3.06 -22.54
C ASP B 102 2.81 3.07 -21.21
N SER B 103 2.41 3.99 -20.38
CA SER B 103 2.94 4.30 -19.04
C SER B 103 1.84 4.88 -18.17
N ILE B 104 1.35 4.10 -17.20
CA ILE B 104 0.43 4.60 -16.14
C ILE B 104 1.19 5.66 -15.36
N PRO B 105 2.42 5.39 -14.86
CA PRO B 105 3.21 6.41 -14.18
C PRO B 105 3.19 7.78 -14.88
N ALA B 106 3.62 7.83 -16.15
CA ALA B 106 3.59 9.07 -16.97
C ALA B 106 2.21 9.70 -16.82
N PHE B 107 1.19 8.88 -17.06
CA PHE B 107 -0.21 9.33 -17.16
C PHE B 107 -0.62 9.99 -15.86
N LEU B 108 -0.50 9.25 -14.77
CA LEU B 108 -0.89 9.73 -13.42
C LEU B 108 -0.02 10.94 -13.07
N SER B 109 1.30 10.78 -13.17
CA SER B 109 2.26 11.86 -12.87
C SER B 109 1.70 13.16 -13.49
N SER B 110 1.37 13.16 -14.78
CA SER B 110 1.06 14.40 -15.53
C SER B 110 -0.30 14.94 -15.08
N LEU B 111 -1.20 14.04 -14.71
CA LEU B 111 -2.54 14.36 -14.14
C LEU B 111 -2.39 15.00 -12.77
N THR B 112 -1.75 14.32 -11.81
CA THR B 112 -1.45 14.87 -10.46
C THR B 112 -1.06 16.35 -10.56
N LEU B 113 -0.26 16.71 -11.56
CA LEU B 113 0.28 18.08 -11.71
C LEU B 113 -0.81 19.04 -12.18
N GLU B 114 -1.57 18.67 -13.20
CA GLU B 114 -2.71 19.49 -13.74
C GLU B 114 -3.67 19.80 -12.60
N LEU B 115 -4.10 18.77 -11.88
CA LEU B 115 -5.04 18.94 -10.75
C LEU B 115 -4.39 19.80 -9.68
N PHE B 116 -3.08 19.65 -9.45
CA PHE B 116 -2.36 20.46 -8.45
C PHE B 116 -2.27 21.92 -8.90
N SER B 117 -2.48 22.15 -10.18
CA SER B 117 -2.38 23.45 -10.72
C SER B 117 -3.61 24.22 -10.48
N ARG B 118 -4.72 23.50 -10.33
CA ARG B 118 -6.04 24.10 -10.15
C ARG B 118 -6.44 24.24 -8.69
N GLN B 119 -5.47 24.58 -7.85
CA GLN B 119 -5.73 24.76 -6.42
C GLN B 119 -5.71 26.25 -6.11
N THR B 120 -6.85 26.79 -5.70
CA THR B 120 -6.93 28.21 -5.40
C THR B 120 -5.95 28.50 -4.28
N VAL B 121 -4.83 29.14 -4.61
CA VAL B 121 -3.82 29.46 -3.56
C VAL B 121 -4.17 30.80 -2.91
CA ALA B 122 -6.79 34.02 -3.25
C ALA B 122 -8.14 33.93 -3.98
N SER C 5 10.32 -6.06 27.50
CA SER C 5 10.16 -5.45 26.20
C SER C 5 8.70 -5.30 25.79
N PRO C 6 8.29 -5.98 24.71
CA PRO C 6 6.96 -6.04 24.13
C PRO C 6 6.41 -7.43 24.36
N TPO C 7 5.10 -7.62 24.37
CA TPO C 7 4.62 -8.96 24.68
CB TPO C 7 3.17 -8.85 24.99
CG2 TPO C 7 2.84 -7.59 25.74
OG1 TPO C 7 2.52 -8.74 23.77
P TPO C 7 1.61 -9.99 23.81
O1P TPO C 7 0.80 -9.89 22.59
O2P TPO C 7 0.74 -9.89 24.98
O3P TPO C 7 2.52 -11.16 23.89
C TPO C 7 4.90 -9.85 23.53
O TPO C 7 4.87 -9.44 22.38
N VAL C 8 5.09 -11.11 23.79
CA VAL C 8 5.51 -11.99 22.74
C VAL C 8 4.63 -12.13 21.54
N HIS C 9 3.34 -12.18 21.72
CA HIS C 9 2.50 -12.34 20.58
C HIS C 9 2.63 -11.16 19.66
N THR C 10 2.67 -9.94 20.18
CA THR C 10 2.79 -8.78 19.30
C THR C 10 4.08 -8.88 18.58
N LYS C 11 5.06 -9.31 19.32
CA LYS C 11 6.45 -9.37 18.78
C LYS C 11 6.47 -10.32 17.56
N GLU C 12 6.15 -11.59 17.68
CA GLU C 12 6.24 -12.46 16.53
C GLU C 12 5.34 -11.99 15.47
N ALA C 13 4.23 -11.44 15.87
CA ALA C 13 3.32 -10.97 14.88
C ALA C 13 3.93 -9.86 14.11
N LEU C 14 4.53 -8.94 14.83
CA LEU C 14 5.11 -7.77 14.24
C LEU C 14 6.17 -8.11 13.27
N GLY C 15 7.00 -9.07 13.62
CA GLY C 15 8.05 -9.51 12.74
C GLY C 15 7.49 -10.11 11.48
N PHE C 16 6.42 -10.85 11.58
CA PHE C 16 5.88 -11.47 10.41
C PHE C 16 5.44 -10.47 9.41
N ILE C 17 4.76 -9.43 9.86
CA ILE C 17 4.29 -8.45 8.94
C ILE C 17 5.33 -7.63 8.29
N MET C 18 6.30 -7.19 9.06
CA MET C 18 7.29 -6.27 8.55
C MET C 18 8.08 -6.84 7.40
N ASN C 19 8.38 -8.12 7.42
CA ASN C 19 9.11 -8.74 6.33
C ASN C 19 8.37 -8.70 4.99
N MET C 20 7.05 -8.67 4.99
CA MET C 20 6.25 -8.56 3.78
C MET C 20 6.56 -7.31 2.97
N PHE C 21 6.86 -6.21 3.61
CA PHE C 21 7.23 -5.03 2.86
C PHE C 21 8.70 -5.05 2.51
N GLN C 22 9.01 -5.82 1.48
CA GLN C 22 10.36 -5.95 0.94
C GLN C 22 10.22 -6.44 -0.50
N ALA C 23 11.27 -6.25 -1.29
CA ALA C 23 11.33 -6.66 -2.69
C ALA C 23 10.70 -8.01 -3.02
N SER D 5 -16.57 -24.92 -2.24
CA SER D 5 -16.87 -23.51 -2.05
C SER D 5 -15.79 -22.82 -1.24
N PRO D 6 -16.20 -21.88 -0.36
CA PRO D 6 -15.28 -21.12 0.48
C PRO D 6 -15.37 -21.57 1.94
N TPO D 7 -14.22 -21.87 2.54
CA TPO D 7 -14.18 -22.30 3.92
CB TPO D 7 -12.81 -22.90 4.23
CG2 TPO D 7 -12.20 -23.53 2.99
OG1 TPO D 7 -11.93 -21.90 4.73
P TPO D 7 -11.57 -22.31 6.25
O1P TPO D 7 -10.80 -23.60 6.20
O2P TPO D 7 -12.87 -22.48 7.00
O3P TPO D 7 -10.75 -21.20 6.84
C TPO D 7 -14.45 -21.14 4.82
O TPO D 7 -14.15 -19.97 4.45
N VAL D 8 -15.01 -21.40 5.99
CA VAL D 8 -15.33 -20.35 6.94
C VAL D 8 -14.27 -19.47 7.45
N HIS D 9 -13.18 -20.03 7.92
CA HIS D 9 -12.16 -19.15 8.43
C HIS D 9 -11.60 -18.29 7.34
N THR D 10 -11.40 -18.84 6.17
CA THR D 10 -10.91 -18.12 5.07
C THR D 10 -11.88 -17.04 4.71
N LYS D 11 -13.16 -17.36 4.68
CA LYS D 11 -14.19 -16.38 4.38
C LYS D 11 -14.14 -15.31 5.42
N GLU D 12 -14.05 -15.71 6.68
CA GLU D 12 -13.97 -14.77 7.74
C GLU D 12 -12.74 -13.94 7.60
N ALA D 13 -11.62 -14.56 7.29
CA ALA D 13 -10.41 -13.84 7.18
C ALA D 13 -10.44 -12.85 6.08
N LEU D 14 -10.84 -13.32 4.90
CA LEU D 14 -10.94 -12.48 3.71
C LEU D 14 -11.71 -11.18 3.94
N GLY D 15 -12.85 -11.26 4.64
CA GLY D 15 -13.61 -10.07 4.84
C GLY D 15 -12.86 -9.07 5.67
N PHE D 16 -12.20 -9.52 6.73
CA PHE D 16 -11.53 -8.58 7.60
C PHE D 16 -10.49 -7.78 6.91
N ILE D 17 -9.71 -8.45 6.13
CA ILE D 17 -8.61 -7.74 5.43
C ILE D 17 -9.21 -6.84 4.34
N MET D 18 -10.14 -7.34 3.53
CA MET D 18 -10.70 -6.57 2.38
C MET D 18 -11.28 -5.24 2.89
N ASN D 19 -11.87 -5.22 4.09
CA ASN D 19 -12.37 -4.00 4.78
C ASN D 19 -11.20 -3.02 5.03
N MET D 20 -10.02 -3.56 5.33
CA MET D 20 -8.81 -2.81 5.75
C MET D 20 -8.24 -1.98 4.58
N PHE D 21 -8.72 -2.21 3.35
CA PHE D 21 -8.27 -1.52 2.11
C PHE D 21 -9.33 -0.55 1.52
N GLN D 22 -10.18 0.07 2.36
CA GLN D 22 -11.22 1.07 1.93
C GLN D 22 -11.08 2.36 2.74
N ALA D 23 -11.72 3.45 2.32
CA ALA D 23 -11.73 4.79 2.98
C ALA D 23 -10.64 4.88 4.07
#